data_5EGV
#
_entry.id   5EGV
#
_cell.length_a   55.510
_cell.length_b   81.990
_cell.length_c   58.620
_cell.angle_alpha   90.000
_cell.angle_beta   110.600
_cell.angle_gamma   90.000
#
_symmetry.space_group_name_H-M   'P 1 21 1'
#
loop_
_entity.id
_entity.type
_entity.pdbx_description
1 polymer 'Estrogen receptor'
2 polymer NCOA2
3 non-polymer 3-chloranyl-4-[4-(2-chloranyl-4-oxidanyl-phenyl)furan-3-yl]phenol
4 water water
#
loop_
_entity_poly.entity_id
_entity_poly.type
_entity_poly.pdbx_seq_one_letter_code
_entity_poly.pdbx_strand_id
1 'polypeptide(L)'
;IKRSKKNSLALSLTADQMVSALLDAEPPILYSEYDPTRPFSEASMMGLLTNLADRELVHMINWAKRVPGFVDLTLHDQVH
LLECAWLEILMIGLVWRSMEHPGKLLFAPNLLLDRNQGKCVEGMVEIFDMLLATSSRFRMMNLQGEEFVCLKSIILLNSG
VYTFLSSTLKSLEEKDHIHRVLDKITDTLIHLMAKAGLTLQQQHQRLAQLLLILSHIRHMSNKGMEHLYSMKCKNVVPLS
DLLLEMLDAHRLHAPTS
;
A,B
2 'polypeptide(L)' KHKILHRLLQDSSS C,D
#
loop_
_chem_comp.id
_chem_comp.type
_chem_comp.name
_chem_comp.formula
5OS non-polymer 3-chloranyl-4-[4-(2-chloranyl-4-oxidanyl-phenyl)furan-3-yl]phenol 'C16 H10 Cl2 O3'
#
# COMPACT_ATOMS: atom_id res chain seq x y z
N ASN A 7 -27.19 -13.16 8.70
CA ASN A 7 -26.85 -12.07 7.80
C ASN A 7 -25.48 -12.27 7.17
N SER A 8 -25.42 -13.15 6.16
CA SER A 8 -24.16 -13.45 5.49
C SER A 8 -24.21 -13.13 3.99
N LEU A 9 -25.08 -13.86 3.28
CA LEU A 9 -25.30 -13.68 1.85
C LEU A 9 -24.07 -14.01 0.99
N ALA A 10 -22.99 -13.27 1.19
CA ALA A 10 -21.79 -13.38 0.35
C ALA A 10 -20.92 -14.58 0.75
N LEU A 11 -21.11 -15.06 1.97
CA LEU A 11 -20.26 -16.11 2.51
C LEU A 11 -20.69 -17.50 2.05
N SER A 12 -21.97 -17.62 1.68
CA SER A 12 -22.53 -18.91 1.29
C SER A 12 -22.14 -19.32 -0.13
N LEU A 13 -21.54 -18.39 -0.87
CA LEU A 13 -21.17 -18.64 -2.25
C LEU A 13 -20.03 -19.64 -2.37
N THR A 14 -19.92 -20.31 -3.52
CA THR A 14 -18.77 -21.15 -3.79
C THR A 14 -17.74 -20.31 -4.53
N ALA A 15 -16.60 -20.91 -4.84
CA ALA A 15 -15.53 -20.20 -5.52
C ALA A 15 -15.95 -19.82 -6.94
N ASP A 16 -16.69 -20.70 -7.58
CA ASP A 16 -17.18 -20.46 -8.94
C ASP A 16 -18.22 -19.35 -8.94
N GLN A 17 -19.14 -19.37 -7.97
CA GLN A 17 -20.17 -18.35 -7.87
C GLN A 17 -19.59 -17.00 -7.51
N MET A 18 -18.42 -17.00 -6.86
CA MET A 18 -17.74 -15.76 -6.52
C MET A 18 -17.10 -15.15 -7.77
N VAL A 19 -16.49 -16.01 -8.58
CA VAL A 19 -15.86 -15.57 -9.83
C VAL A 19 -16.89 -14.97 -10.79
N SER A 20 -17.95 -15.72 -11.05
CA SER A 20 -18.99 -15.31 -11.99
C SER A 20 -19.67 -14.02 -11.54
N ALA A 21 -19.76 -13.82 -10.23
CA ALA A 21 -20.37 -12.62 -9.69
C ALA A 21 -19.52 -11.39 -10.02
N LEU A 22 -18.22 -11.51 -9.82
CA LEU A 22 -17.29 -10.42 -10.07
C LEU A 22 -17.12 -10.15 -11.56
N LEU A 23 -17.18 -11.22 -12.36
CA LEU A 23 -17.04 -11.11 -13.81
C LEU A 23 -18.25 -10.41 -14.43
N ASP A 24 -19.44 -10.87 -14.06
CA ASP A 24 -20.68 -10.35 -14.61
C ASP A 24 -20.93 -8.90 -14.19
N ALA A 25 -20.26 -8.49 -13.12
CA ALA A 25 -20.43 -7.15 -12.58
C ALA A 25 -19.44 -6.15 -13.16
N GLU A 26 -18.46 -6.66 -13.91
CA GLU A 26 -17.38 -5.83 -14.45
C GLU A 26 -17.91 -4.68 -15.31
N PRO A 27 -17.41 -3.46 -15.04
CA PRO A 27 -17.81 -2.27 -15.78
C PRO A 27 -17.33 -2.31 -17.22
N PRO A 28 -18.00 -1.57 -18.12
CA PRO A 28 -17.63 -1.58 -19.54
C PRO A 28 -16.39 -0.72 -19.81
N ILE A 29 -15.83 -0.86 -21.01
CA ILE A 29 -14.72 -0.03 -21.42
C ILE A 29 -15.22 1.16 -22.20
N LEU A 30 -15.20 2.33 -21.57
CA LEU A 30 -15.75 3.54 -22.17
C LEU A 30 -14.82 4.15 -23.21
N TYR A 31 -15.36 5.05 -24.02
CA TYR A 31 -14.58 5.73 -25.04
C TYR A 31 -14.35 7.20 -24.70
N SER A 32 -13.55 7.87 -25.52
CA SER A 32 -13.32 9.30 -25.37
C SER A 32 -13.41 9.98 -26.73
N GLU A 33 -13.56 11.30 -26.73
CA GLU A 33 -13.67 12.06 -27.97
C GLU A 33 -12.31 12.45 -28.53
N PHE A 40 -1.76 17.32 -28.53
CA PHE A 40 -2.17 17.18 -27.14
C PHE A 40 -1.42 18.14 -26.22
N SER A 41 -2.07 19.23 -25.84
CA SER A 41 -1.49 20.16 -24.88
C SER A 41 -1.78 19.68 -23.47
N GLU A 42 -1.35 20.47 -22.48
CA GLU A 42 -1.59 20.12 -21.08
C GLU A 42 -3.08 20.12 -20.77
N ALA A 43 -3.77 21.21 -21.10
CA ALA A 43 -5.19 21.33 -20.84
C ALA A 43 -6.01 20.38 -21.70
N SER A 44 -5.54 20.14 -22.92
CA SER A 44 -6.23 19.25 -23.85
C SER A 44 -6.25 17.82 -23.32
N MET A 45 -5.09 17.33 -22.92
CA MET A 45 -4.96 15.97 -22.41
C MET A 45 -5.65 15.81 -21.06
N MET A 46 -5.40 16.76 -20.16
CA MET A 46 -5.93 16.68 -18.80
C MET A 46 -7.45 16.84 -18.81
N GLY A 47 -7.98 17.46 -19.85
CA GLY A 47 -9.41 17.63 -20.00
C GLY A 47 -10.09 16.32 -20.41
N LEU A 48 -9.45 15.58 -21.30
CA LEU A 48 -10.00 14.31 -21.75
C LEU A 48 -9.97 13.26 -20.65
N LEU A 49 -8.84 13.19 -19.95
CA LEU A 49 -8.67 12.24 -18.85
C LEU A 49 -9.65 12.50 -17.73
N THR A 50 -9.88 13.79 -17.45
CA THR A 50 -10.85 14.19 -16.44
C THR A 50 -12.26 13.80 -16.86
N ASN A 51 -12.58 14.03 -18.13
CA ASN A 51 -13.87 13.66 -18.69
C ASN A 51 -14.09 12.15 -18.60
N LEU A 52 -13.08 11.40 -19.02
CA LEU A 52 -13.14 9.95 -19.03
C LEU A 52 -13.24 9.38 -17.61
N ALA A 53 -12.43 9.90 -16.70
CA ALA A 53 -12.40 9.43 -15.33
C ALA A 53 -13.73 9.69 -14.62
N ASP A 54 -14.39 10.77 -15.02
CA ASP A 54 -15.67 11.13 -14.43
C ASP A 54 -16.76 10.14 -14.81
N ARG A 55 -16.67 9.61 -16.02
CA ARG A 55 -17.66 8.65 -16.51
C ARG A 55 -17.39 7.25 -16.00
N GLU A 56 -16.12 6.97 -15.70
CA GLU A 56 -15.75 5.65 -15.20
C GLU A 56 -16.13 5.48 -13.74
N LEU A 57 -16.17 6.59 -13.00
CA LEU A 57 -16.56 6.55 -11.59
C LEU A 57 -18.02 6.11 -11.44
N VAL A 58 -18.87 6.59 -12.33
CA VAL A 58 -20.29 6.29 -12.29
C VAL A 58 -20.56 4.80 -12.46
N HIS A 59 -19.84 4.18 -13.40
CA HIS A 59 -20.00 2.75 -13.65
C HIS A 59 -19.42 1.91 -12.51
N MET A 60 -18.37 2.42 -11.88
CA MET A 60 -17.70 1.72 -10.78
C MET A 60 -18.61 1.59 -9.58
N ILE A 61 -19.39 2.64 -9.33
CA ILE A 61 -20.32 2.67 -8.21
C ILE A 61 -21.40 1.60 -8.38
N ASN A 62 -21.76 1.33 -9.64
CA ASN A 62 -22.67 0.24 -9.96
C ASN A 62 -21.97 -1.11 -9.81
N TRP A 63 -20.70 -1.15 -10.16
CA TRP A 63 -19.90 -2.36 -10.00
C TRP A 63 -19.70 -2.68 -8.52
N ALA A 64 -19.63 -1.63 -7.70
CA ALA A 64 -19.46 -1.78 -6.26
C ALA A 64 -20.65 -2.50 -5.63
N LYS A 65 -21.85 -2.13 -6.06
CA LYS A 65 -23.08 -2.74 -5.53
C LYS A 65 -23.17 -4.21 -5.90
N ARG A 66 -22.75 -4.54 -7.12
CA ARG A 66 -22.84 -5.92 -7.59
C ARG A 66 -21.63 -6.74 -7.17
N VAL A 67 -20.98 -6.31 -6.09
CA VAL A 67 -19.93 -7.08 -5.44
C VAL A 67 -20.48 -7.72 -4.18
N PRO A 68 -20.31 -9.05 -4.03
CA PRO A 68 -20.83 -9.81 -2.89
C PRO A 68 -20.34 -9.27 -1.55
N GLY A 69 -21.28 -8.90 -0.67
CA GLY A 69 -20.94 -8.43 0.66
C GLY A 69 -20.94 -6.92 0.78
N PHE A 70 -20.77 -6.23 -0.34
CA PHE A 70 -20.68 -4.78 -0.34
C PHE A 70 -22.03 -4.14 -0.02
N VAL A 71 -23.11 -4.68 -0.58
CA VAL A 71 -24.45 -4.17 -0.33
C VAL A 71 -24.90 -4.45 1.11
N ASP A 72 -24.22 -5.39 1.76
CA ASP A 72 -24.54 -5.73 3.15
C ASP A 72 -24.08 -4.62 4.10
N LEU A 73 -23.11 -3.85 3.66
CA LEU A 73 -22.58 -2.74 4.44
C LEU A 73 -23.60 -1.60 4.54
N THR A 74 -23.40 -0.72 5.51
CA THR A 74 -24.24 0.47 5.63
C THR A 74 -23.84 1.50 4.58
N LEU A 75 -24.66 2.52 4.40
CA LEU A 75 -24.41 3.55 3.39
C LEU A 75 -23.13 4.31 3.67
N HIS A 76 -22.91 4.66 4.94
CA HIS A 76 -21.72 5.40 5.33
C HIS A 76 -20.45 4.59 5.08
N ASP A 77 -20.55 3.28 5.31
CA ASP A 77 -19.40 2.39 5.13
C ASP A 77 -19.07 2.21 3.65
N GLN A 78 -20.10 2.12 2.82
CA GLN A 78 -19.89 2.02 1.37
C GLN A 78 -19.22 3.28 0.86
N VAL A 79 -19.70 4.43 1.33
CA VAL A 79 -19.13 5.72 0.97
C VAL A 79 -17.66 5.79 1.36
N HIS A 80 -17.34 5.26 2.54
CA HIS A 80 -15.96 5.28 3.04
C HIS A 80 -15.01 4.49 2.14
N LEU A 81 -15.37 3.24 1.85
CA LEU A 81 -14.52 2.37 1.05
C LEU A 81 -14.26 2.91 -0.35
N LEU A 82 -15.31 3.47 -0.96
CA LEU A 82 -15.19 4.02 -2.30
C LEU A 82 -14.36 5.29 -2.32
N GLU A 83 -14.53 6.14 -1.30
CA GLU A 83 -13.81 7.41 -1.23
C GLU A 83 -12.31 7.20 -1.05
N CYS A 84 -11.92 6.08 -0.45
CA CYS A 84 -10.52 5.81 -0.18
C CYS A 84 -9.84 5.06 -1.31
N ALA A 85 -10.60 4.28 -2.05
CA ALA A 85 -10.01 3.37 -3.03
C ALA A 85 -10.49 3.59 -4.47
N TRP A 86 -11.12 4.73 -4.73
CA TRP A 86 -11.66 4.98 -6.06
C TRP A 86 -10.56 5.16 -7.10
N LEU A 87 -9.44 5.75 -6.69
CA LEU A 87 -8.34 6.01 -7.61
C LEU A 87 -7.54 4.74 -7.88
N GLU A 88 -7.41 3.89 -6.87
CA GLU A 88 -6.72 2.61 -7.04
C GLU A 88 -7.46 1.75 -8.07
N ILE A 89 -8.76 1.59 -7.86
CA ILE A 89 -9.59 0.78 -8.76
C ILE A 89 -9.56 1.35 -10.18
N LEU A 90 -9.55 2.68 -10.29
CA LEU A 90 -9.42 3.33 -11.59
C LEU A 90 -8.09 3.00 -12.25
N MET A 91 -7.05 2.89 -11.43
CA MET A 91 -5.70 2.64 -11.95
C MET A 91 -5.49 1.17 -12.30
N ILE A 92 -5.87 0.27 -11.39
CA ILE A 92 -5.69 -1.17 -11.63
C ILE A 92 -6.52 -1.60 -12.84
N GLY A 93 -7.61 -0.88 -13.11
CA GLY A 93 -8.40 -1.12 -14.30
C GLY A 93 -7.67 -0.60 -15.53
N LEU A 94 -7.10 0.60 -15.40
CA LEU A 94 -6.30 1.20 -16.45
C LEU A 94 -5.06 0.35 -16.73
N VAL A 95 -4.47 -0.16 -15.66
CA VAL A 95 -3.27 -0.98 -15.76
C VAL A 95 -3.54 -2.27 -16.52
N TRP A 96 -4.66 -2.91 -16.21
CA TRP A 96 -5.00 -4.19 -16.82
C TRP A 96 -5.51 -4.05 -18.25
N ARG A 97 -6.12 -2.91 -18.55
CA ARG A 97 -6.60 -2.65 -19.92
C ARG A 97 -5.42 -2.51 -20.87
N SER A 98 -4.35 -1.90 -20.37
CA SER A 98 -3.15 -1.67 -21.16
C SER A 98 -2.09 -2.74 -20.91
N MET A 99 -2.54 -3.91 -20.47
CA MET A 99 -1.62 -4.97 -20.09
C MET A 99 -0.86 -5.54 -21.28
N GLU A 100 -1.53 -5.67 -22.41
CA GLU A 100 -0.89 -6.21 -23.61
C GLU A 100 -0.47 -5.10 -24.58
N HIS A 101 -0.40 -3.88 -24.08
CA HIS A 101 0.13 -2.75 -24.86
C HIS A 101 1.36 -2.18 -24.17
N PRO A 102 2.50 -2.87 -24.29
CA PRO A 102 3.73 -2.51 -23.56
C PRO A 102 4.22 -1.10 -23.87
N GLY A 103 4.48 -0.33 -22.82
CA GLY A 103 4.95 1.03 -22.97
C GLY A 103 3.85 1.98 -23.38
N LYS A 104 2.61 1.50 -23.32
CA LYS A 104 1.46 2.33 -23.68
C LYS A 104 0.32 2.16 -22.68
N LEU A 105 -0.38 3.26 -22.42
CA LEU A 105 -1.52 3.23 -21.50
C LEU A 105 -2.84 3.36 -22.25
N LEU A 106 -3.70 2.36 -22.09
CA LEU A 106 -4.98 2.32 -22.78
C LEU A 106 -6.08 2.93 -21.93
N PHE A 107 -6.14 4.26 -21.93
CA PHE A 107 -7.20 4.97 -21.22
C PHE A 107 -8.54 4.67 -21.88
N ALA A 108 -8.52 4.60 -23.20
CA ALA A 108 -9.70 4.29 -23.99
C ALA A 108 -9.27 3.59 -25.28
N PRO A 109 -10.17 2.80 -25.90
CA PRO A 109 -9.84 2.15 -27.16
C PRO A 109 -9.38 3.13 -28.23
N ASN A 110 -9.90 4.36 -28.19
CA ASN A 110 -9.49 5.39 -29.12
C ASN A 110 -8.59 6.43 -28.46
N LEU A 111 -7.91 6.02 -27.39
CA LEU A 111 -7.03 6.93 -26.65
C LEU A 111 -5.87 6.18 -26.01
N LEU A 112 -4.84 5.90 -26.81
CA LEU A 112 -3.65 5.18 -26.34
C LEU A 112 -2.45 6.13 -26.28
N LEU A 113 -1.82 6.21 -25.11
CA LEU A 113 -0.74 7.17 -24.89
C LEU A 113 0.57 6.50 -24.47
N ASP A 114 1.67 7.19 -24.73
CA ASP A 114 2.99 6.68 -24.35
C ASP A 114 3.57 7.50 -23.20
N ARG A 115 4.81 7.16 -22.81
CA ARG A 115 5.48 7.84 -21.71
C ARG A 115 5.77 9.30 -22.03
N ASN A 116 6.45 9.52 -23.16
CA ASN A 116 6.80 10.87 -23.59
C ASN A 116 5.57 11.71 -23.95
N GLN A 117 4.47 11.02 -24.25
CA GLN A 117 3.21 11.70 -24.53
C GLN A 117 2.63 12.33 -23.27
N GLY A 118 2.93 11.71 -22.12
CA GLY A 118 2.40 12.17 -20.85
C GLY A 118 3.14 13.36 -20.29
N LYS A 119 4.33 13.61 -20.84
CA LYS A 119 5.18 14.71 -20.40
C LYS A 119 4.59 16.07 -20.76
N CYS A 120 3.53 16.07 -21.57
CA CYS A 120 2.83 17.30 -21.93
C CYS A 120 2.15 17.87 -20.69
N VAL A 121 1.95 17.00 -19.70
CA VAL A 121 1.53 17.42 -18.38
C VAL A 121 2.59 16.97 -17.38
N GLU A 122 3.36 17.93 -16.88
CA GLU A 122 4.42 17.61 -15.94
C GLU A 122 3.81 17.15 -14.62
N GLY A 123 4.51 16.26 -13.93
CA GLY A 123 4.00 15.65 -12.71
C GLY A 123 3.22 14.39 -13.04
N MET A 124 2.63 14.36 -14.23
CA MET A 124 1.85 13.22 -14.69
C MET A 124 2.75 12.14 -15.30
N VAL A 125 3.90 12.56 -15.81
CA VAL A 125 4.84 11.64 -16.45
C VAL A 125 5.38 10.62 -15.44
N GLU A 126 5.48 11.03 -14.18
CA GLU A 126 5.93 10.12 -13.12
C GLU A 126 4.91 9.01 -12.88
N ILE A 127 3.63 9.37 -12.94
CA ILE A 127 2.54 8.43 -12.73
C ILE A 127 2.47 7.43 -13.88
N PHE A 128 2.80 7.90 -15.09
CA PHE A 128 2.87 7.04 -16.25
C PHE A 128 3.83 5.88 -16.04
N ASP A 129 5.03 6.19 -15.57
CA ASP A 129 6.08 5.19 -15.35
C ASP A 129 5.63 4.09 -14.40
N MET A 130 4.94 4.48 -13.33
CA MET A 130 4.44 3.52 -12.36
C MET A 130 3.30 2.70 -12.94
N LEU A 131 2.45 3.37 -13.73
CA LEU A 131 1.34 2.70 -14.40
C LEU A 131 1.85 1.68 -15.41
N LEU A 132 2.87 2.09 -16.18
CA LEU A 132 3.49 1.19 -17.15
C LEU A 132 4.21 0.03 -16.46
N ALA A 133 4.91 0.34 -15.38
CA ALA A 133 5.66 -0.67 -14.65
C ALA A 133 4.74 -1.72 -14.03
N THR A 134 3.52 -1.32 -13.73
CA THR A 134 2.55 -2.22 -13.13
C THR A 134 1.92 -3.14 -14.20
N SER A 135 1.56 -2.55 -15.33
CA SER A 135 1.00 -3.32 -16.44
C SER A 135 2.04 -4.30 -16.97
N SER A 136 3.28 -3.83 -17.02
CA SER A 136 4.40 -4.69 -17.40
C SER A 136 4.57 -5.80 -16.37
N ARG A 137 4.35 -5.46 -15.11
CA ARG A 137 4.42 -6.43 -14.02
C ARG A 137 3.30 -7.45 -14.16
N PHE A 138 2.10 -6.98 -14.49
CA PHE A 138 0.97 -7.87 -14.73
C PHE A 138 1.20 -8.72 -15.98
N ARG A 139 1.71 -8.09 -17.02
CA ARG A 139 2.00 -8.76 -18.28
C ARG A 139 3.05 -9.85 -18.10
N MET A 140 3.98 -9.60 -17.19
CA MET A 140 5.09 -10.51 -16.96
C MET A 140 4.71 -11.61 -15.99
N MET A 141 3.74 -11.33 -15.13
CA MET A 141 3.25 -12.32 -14.17
C MET A 141 2.09 -13.10 -14.77
N ASN A 142 1.71 -12.71 -15.99
CA ASN A 142 0.61 -13.35 -16.71
C ASN A 142 -0.68 -13.34 -15.89
N LEU A 143 -1.11 -12.15 -15.49
CA LEU A 143 -2.31 -11.98 -14.69
C LEU A 143 -3.55 -12.42 -15.45
N GLN A 144 -4.46 -13.12 -14.77
CA GLN A 144 -5.69 -13.57 -15.40
C GLN A 144 -6.85 -12.65 -15.00
N GLY A 145 -7.85 -12.56 -15.87
CA GLY A 145 -9.01 -11.72 -15.64
C GLY A 145 -9.77 -12.12 -14.39
N GLU A 146 -9.82 -13.42 -14.13
CA GLU A 146 -10.45 -13.94 -12.92
C GLU A 146 -9.65 -13.50 -11.69
N GLU A 147 -8.33 -13.58 -11.80
CA GLU A 147 -7.46 -13.11 -10.72
C GLU A 147 -7.57 -11.60 -10.56
N PHE A 148 -7.74 -10.91 -11.69
CA PHE A 148 -7.80 -9.45 -11.71
C PHE A 148 -9.02 -8.91 -10.97
N VAL A 149 -10.20 -9.42 -11.31
CA VAL A 149 -11.44 -8.93 -10.72
C VAL A 149 -11.51 -9.24 -9.22
N CYS A 150 -10.65 -10.13 -8.76
CA CYS A 150 -10.52 -10.40 -7.34
C CYS A 150 -9.69 -9.32 -6.66
N LEU A 151 -8.53 -9.01 -7.27
CA LEU A 151 -7.67 -7.94 -6.79
C LEU A 151 -8.43 -6.62 -6.78
N LYS A 152 -9.25 -6.43 -7.81
CA LYS A 152 -10.10 -5.26 -7.93
C LYS A 152 -11.02 -5.13 -6.71
N SER A 153 -11.61 -6.24 -6.31
CA SER A 153 -12.53 -6.26 -5.18
C SER A 153 -11.81 -6.19 -3.84
N ILE A 154 -10.65 -6.83 -3.75
CA ILE A 154 -9.84 -6.79 -2.54
C ILE A 154 -9.51 -5.35 -2.17
N ILE A 155 -9.05 -4.59 -3.16
CA ILE A 155 -8.77 -3.17 -2.98
C ILE A 155 -9.98 -2.41 -2.45
N LEU A 156 -11.15 -2.69 -3.04
CA LEU A 156 -12.39 -2.03 -2.64
C LEU A 156 -12.69 -2.21 -1.16
N LEU A 157 -12.44 -3.42 -0.65
CA LEU A 157 -12.75 -3.73 0.74
C LEU A 157 -11.61 -3.42 1.68
N ASN A 158 -10.39 -3.75 1.27
CA ASN A 158 -9.22 -3.61 2.13
C ASN A 158 -8.73 -2.17 2.27
N SER A 159 -8.70 -1.44 1.15
CA SER A 159 -8.15 -0.09 1.15
C SER A 159 -9.08 0.90 1.84
N GLY A 160 -9.08 0.90 3.17
CA GLY A 160 -9.89 1.81 3.95
C GLY A 160 -10.61 1.18 5.11
N VAL A 161 -10.53 -0.15 5.22
CA VAL A 161 -11.19 -0.88 6.30
C VAL A 161 -10.58 -0.52 7.65
N TYR A 162 -9.32 -0.09 7.64
CA TYR A 162 -8.63 0.31 8.85
C TYR A 162 -9.01 1.74 9.22
N THR A 163 -9.15 2.58 8.20
CA THR A 163 -9.53 3.98 8.40
C THR A 163 -10.98 4.10 8.85
N GLU A 174 -19.60 -4.13 13.28
CA GLU A 174 -18.99 -5.37 12.81
C GLU A 174 -18.28 -5.18 11.48
N LYS A 175 -17.07 -4.62 11.53
CA LYS A 175 -16.21 -4.55 10.35
C LYS A 175 -15.65 -5.95 10.07
N ASP A 176 -15.80 -6.82 11.06
N ASP A 176 -15.77 -6.79 11.09
CA ASP A 176 -15.35 -8.21 10.97
CA ASP A 176 -15.43 -8.21 11.04
C ASP A 176 -15.93 -8.90 9.73
C ASP A 176 -15.95 -8.91 9.78
N HIS A 177 -17.13 -8.49 9.33
CA HIS A 177 -17.76 -9.05 8.13
C HIS A 177 -16.93 -8.82 6.87
N ILE A 178 -16.36 -7.62 6.75
CA ILE A 178 -15.52 -7.29 5.60
C ILE A 178 -14.32 -8.22 5.52
N HIS A 179 -13.66 -8.44 6.65
CA HIS A 179 -12.50 -9.33 6.70
C HIS A 179 -12.91 -10.77 6.42
N ARG A 180 -14.16 -11.11 6.72
CA ARG A 180 -14.70 -12.42 6.35
C ARG A 180 -14.83 -12.51 4.83
N VAL A 181 -15.28 -11.42 4.21
CA VAL A 181 -15.42 -11.38 2.76
C VAL A 181 -14.05 -11.36 2.09
N LEU A 182 -13.14 -10.58 2.66
CA LEU A 182 -11.76 -10.53 2.19
C LEU A 182 -11.11 -11.90 2.23
N ASP A 183 -11.38 -12.64 3.31
CA ASP A 183 -10.87 -14.00 3.46
C ASP A 183 -11.44 -14.92 2.40
N LYS A 184 -12.70 -14.70 2.06
CA LYS A 184 -13.38 -15.55 1.08
C LYS A 184 -12.91 -15.23 -0.34
N ILE A 185 -12.63 -13.96 -0.61
CA ILE A 185 -12.09 -13.56 -1.89
C ILE A 185 -10.71 -14.20 -2.07
N THR A 186 -9.95 -14.26 -0.98
CA THR A 186 -8.65 -14.92 -0.99
C THR A 186 -8.79 -16.40 -1.35
N ASP A 187 -9.84 -17.03 -0.84
CA ASP A 187 -10.12 -18.43 -1.14
C ASP A 187 -10.33 -18.63 -2.63
N THR A 188 -10.87 -17.61 -3.28
CA THR A 188 -11.13 -17.66 -4.72
C THR A 188 -9.82 -17.73 -5.51
N LEU A 189 -8.87 -16.86 -5.17
CA LEU A 189 -7.57 -16.86 -5.85
C LEU A 189 -6.85 -18.19 -5.71
N ILE A 190 -6.84 -18.72 -4.49
CA ILE A 190 -6.25 -20.03 -4.23
C ILE A 190 -6.94 -21.08 -5.08
N HIS A 191 -8.26 -20.99 -5.17
CA HIS A 191 -9.05 -21.88 -6.01
C HIS A 191 -8.76 -21.64 -7.49
N LEU A 192 -8.60 -20.39 -7.86
CA LEU A 192 -8.29 -20.01 -9.24
C LEU A 192 -6.92 -20.54 -9.65
N MET A 193 -5.98 -20.58 -8.71
CA MET A 193 -4.63 -21.04 -8.97
C MET A 193 -4.55 -22.57 -8.91
N ALA A 194 -5.36 -23.17 -8.06
CA ALA A 194 -5.38 -24.63 -7.92
C ALA A 194 -5.89 -25.28 -9.20
N LYS A 195 -6.84 -24.62 -9.85
CA LYS A 195 -7.39 -25.12 -11.11
C LYS A 195 -6.38 -24.99 -12.25
N ALA A 196 -5.51 -23.99 -12.14
CA ALA A 196 -4.51 -23.72 -13.17
C ALA A 196 -3.34 -24.70 -13.10
N GLY A 197 -3.34 -25.57 -12.10
CA GLY A 197 -2.33 -26.60 -11.97
C GLY A 197 -1.10 -26.16 -11.21
N LEU A 198 -1.23 -25.06 -10.46
CA LEU A 198 -0.12 -24.57 -9.66
C LEU A 198 -0.01 -25.35 -8.35
N THR A 199 1.20 -25.75 -7.99
CA THR A 199 1.44 -26.50 -6.76
C THR A 199 1.15 -25.66 -5.53
N LEU A 200 1.02 -26.33 -4.38
CA LEU A 200 0.73 -25.68 -3.11
C LEU A 200 1.70 -24.53 -2.82
N GLN A 201 2.99 -24.77 -3.11
CA GLN A 201 4.01 -23.77 -2.90
C GLN A 201 3.81 -22.59 -3.84
N GLN A 202 3.57 -22.88 -5.12
CA GLN A 202 3.39 -21.85 -6.13
C GLN A 202 2.07 -21.10 -5.93
N GLN A 203 1.14 -21.71 -5.21
CA GLN A 203 -0.17 -21.10 -4.96
C GLN A 203 -0.07 -19.92 -3.99
N HIS A 204 0.66 -20.10 -2.90
CA HIS A 204 0.80 -19.04 -1.91
C HIS A 204 1.92 -18.07 -2.29
N GLN A 205 2.77 -18.50 -3.22
CA GLN A 205 3.82 -17.62 -3.74
C GLN A 205 3.24 -16.61 -4.73
N ARG A 206 2.34 -17.08 -5.59
CA ARG A 206 1.67 -16.21 -6.54
C ARG A 206 0.68 -15.30 -5.82
N LEU A 207 0.10 -15.81 -4.74
CA LEU A 207 -0.80 -15.03 -3.91
C LEU A 207 -0.08 -13.83 -3.30
N ALA A 208 1.14 -14.07 -2.85
CA ALA A 208 1.94 -13.01 -2.24
C ALA A 208 2.32 -11.96 -3.26
N GLN A 209 2.69 -12.39 -4.46
CA GLN A 209 3.09 -11.48 -5.53
C GLN A 209 1.94 -10.57 -5.95
N LEU A 210 0.74 -11.14 -6.04
CA LEU A 210 -0.44 -10.38 -6.46
C LEU A 210 -0.84 -9.33 -5.43
N LEU A 211 -0.75 -9.68 -4.16
CA LEU A 211 -1.16 -8.79 -3.08
C LEU A 211 -0.12 -7.71 -2.81
N LEU A 212 1.11 -7.95 -3.26
CA LEU A 212 2.17 -6.98 -3.07
C LEU A 212 2.12 -5.90 -4.15
N ILE A 213 1.41 -6.17 -5.24
CA ILE A 213 1.19 -5.16 -6.26
C ILE A 213 0.23 -4.11 -5.71
N LEU A 214 -0.69 -4.57 -4.86
CA LEU A 214 -1.68 -3.69 -4.24
C LEU A 214 -0.99 -2.65 -3.36
N SER A 215 0.19 -3.01 -2.86
CA SER A 215 1.01 -2.06 -2.13
C SER A 215 1.49 -0.96 -3.07
N HIS A 216 1.99 -1.39 -4.23
CA HIS A 216 2.42 -0.45 -5.26
C HIS A 216 1.23 0.37 -5.75
N ILE A 217 0.16 -0.32 -6.11
CA ILE A 217 -1.06 0.33 -6.59
C ILE A 217 -1.55 1.43 -5.64
N ARG A 218 -1.48 1.14 -4.34
CA ARG A 218 -1.82 2.13 -3.33
C ARG A 218 -0.92 3.36 -3.43
N HIS A 219 0.38 3.11 -3.53
CA HIS A 219 1.37 4.19 -3.63
C HIS A 219 1.15 5.04 -4.86
N MET A 220 0.67 4.42 -5.92
CA MET A 220 0.39 5.12 -7.16
C MET A 220 -0.77 6.08 -6.97
N SER A 221 -1.83 5.58 -6.34
CA SER A 221 -3.00 6.39 -6.02
C SER A 221 -2.64 7.63 -5.23
N ASN A 222 -1.84 7.45 -4.18
CA ASN A 222 -1.41 8.56 -3.35
C ASN A 222 -0.55 9.56 -4.14
N LYS A 223 0.29 9.04 -5.03
CA LYS A 223 1.08 9.89 -5.90
C LYS A 223 0.18 10.51 -6.97
N GLY A 224 -0.91 9.82 -7.29
CA GLY A 224 -1.86 10.31 -8.26
C GLY A 224 -2.84 11.29 -7.65
N MET A 225 -3.25 11.01 -6.42
CA MET A 225 -4.17 11.87 -5.69
C MET A 225 -3.53 13.23 -5.44
N GLU A 226 -2.21 13.24 -5.35
CA GLU A 226 -1.45 14.45 -5.10
C GLU A 226 -1.42 15.33 -6.35
N HIS A 227 -1.28 14.70 -7.51
CA HIS A 227 -1.23 15.40 -8.78
C HIS A 227 -2.56 16.08 -9.10
N LEU A 228 -3.66 15.40 -8.78
CA LEU A 228 -5.00 15.92 -9.04
C LEU A 228 -5.26 17.18 -8.22
N TYR A 229 -4.87 17.13 -6.95
CA TYR A 229 -5.01 18.29 -6.07
C TYR A 229 -4.25 19.49 -6.60
N SER A 230 -3.13 19.22 -7.25
CA SER A 230 -2.32 20.27 -7.86
C SER A 230 -3.09 20.94 -8.99
N MET A 231 -3.73 20.13 -9.82
CA MET A 231 -4.53 20.63 -10.95
C MET A 231 -5.79 21.33 -10.46
N LYS A 232 -6.22 21.00 -9.25
CA LYS A 232 -7.36 21.67 -8.64
C LYS A 232 -6.97 23.08 -8.23
N CYS A 233 -5.83 23.19 -7.56
CA CYS A 233 -5.32 24.48 -7.12
C CYS A 233 -4.81 25.32 -8.29
N LYS A 234 -4.36 24.64 -9.34
CA LYS A 234 -3.91 25.33 -10.54
C LYS A 234 -5.09 25.88 -11.33
N ASN A 235 -6.23 25.19 -11.22
CA ASN A 235 -7.48 25.57 -11.88
C ASN A 235 -7.33 25.67 -13.39
N VAL A 236 -6.28 25.05 -13.93
CA VAL A 236 -6.05 25.04 -15.37
C VAL A 236 -7.08 24.14 -16.05
N VAL A 237 -7.39 23.03 -15.39
CA VAL A 237 -8.40 22.11 -15.90
C VAL A 237 -9.63 22.13 -15.00
N PRO A 238 -10.76 22.60 -15.54
CA PRO A 238 -12.04 22.56 -14.82
C PRO A 238 -12.42 21.13 -14.47
N LEU A 239 -12.43 20.82 -13.18
CA LEU A 239 -12.67 19.45 -12.71
C LEU A 239 -14.12 19.24 -12.31
N SER A 240 -14.63 18.05 -12.59
CA SER A 240 -16.00 17.69 -12.22
C SER A 240 -16.20 17.72 -10.71
N ASP A 241 -17.29 18.34 -10.28
CA ASP A 241 -17.56 18.50 -8.85
C ASP A 241 -17.78 17.15 -8.15
N LEU A 242 -18.15 16.14 -8.93
CA LEU A 242 -18.20 14.77 -8.42
C LEU A 242 -16.79 14.28 -8.14
N LEU A 243 -15.89 14.60 -9.05
CA LEU A 243 -14.48 14.25 -8.91
C LEU A 243 -13.83 15.12 -7.83
N LEU A 244 -14.52 16.19 -7.46
CA LEU A 244 -14.06 17.07 -6.38
C LEU A 244 -14.37 16.46 -5.02
N GLU A 245 -15.62 16.03 -4.84
CA GLU A 245 -16.07 15.45 -3.57
C GLU A 245 -15.35 14.13 -3.29
N MET A 246 -14.88 13.49 -4.34
CA MET A 246 -14.06 12.29 -4.20
C MET A 246 -12.62 12.67 -3.88
N LEU A 247 -12.22 13.86 -4.28
CA LEU A 247 -10.84 14.33 -4.11
C LEU A 247 -10.58 14.86 -2.72
N ASP A 248 -11.34 15.87 -2.30
CA ASP A 248 -11.11 16.51 -1.01
C ASP A 248 -11.54 15.64 0.18
N ALA A 249 -11.88 14.39 -0.11
CA ALA A 249 -12.14 13.41 0.95
C ALA A 249 -10.83 12.82 1.45
N HIS A 250 -9.73 13.27 0.85
CA HIS A 250 -8.38 12.85 1.25
C HIS A 250 -7.62 14.00 1.88
N ARG A 251 -8.29 14.75 2.75
CA ARG A 251 -7.67 15.89 3.41
C ARG A 251 -8.44 16.25 4.68
N LEU B 11 18.75 -17.83 -0.40
CA LEU B 11 18.21 -18.85 -1.31
C LEU B 11 18.55 -20.26 -0.84
N SER B 12 19.76 -20.42 -0.29
CA SER B 12 20.19 -21.71 0.24
C SER B 12 19.93 -21.79 1.73
N LEU B 13 18.88 -21.12 2.17
CA LEU B 13 18.54 -21.06 3.59
C LEU B 13 17.22 -21.76 3.88
N THR B 14 17.18 -22.59 4.92
CA THR B 14 15.95 -23.22 5.35
C THR B 14 15.07 -22.16 6.03
N ALA B 15 13.79 -22.49 6.23
CA ALA B 15 12.85 -21.56 6.85
C ALA B 15 13.30 -21.16 8.25
N ASP B 16 13.87 -22.11 8.97
CA ASP B 16 14.37 -21.86 10.33
C ASP B 16 15.55 -20.91 10.31
N GLN B 17 16.45 -21.11 9.35
CA GLN B 17 17.62 -20.24 9.21
C GLN B 17 17.20 -18.84 8.77
N MET B 18 16.13 -18.77 8.00
CA MET B 18 15.57 -17.48 7.58
C MET B 18 15.04 -16.72 8.79
N VAL B 19 14.28 -17.42 9.63
CA VAL B 19 13.71 -16.81 10.84
C VAL B 19 14.80 -16.29 11.77
N SER B 20 15.77 -17.14 12.09
CA SER B 20 16.84 -16.76 13.01
C SER B 20 17.65 -15.59 12.47
N ALA B 21 17.90 -15.59 11.17
CA ALA B 21 18.65 -14.50 10.53
C ALA B 21 17.95 -13.17 10.72
N LEU B 22 16.64 -13.16 10.52
CA LEU B 22 15.85 -11.94 10.67
C LEU B 22 15.71 -11.55 12.13
N LEU B 23 15.70 -12.54 13.02
CA LEU B 23 15.63 -12.28 14.45
C LEU B 23 16.97 -11.78 15.00
N ASP B 24 18.05 -12.40 14.53
CA ASP B 24 19.39 -12.01 14.96
C ASP B 24 19.73 -10.61 14.46
N ALA B 25 19.12 -10.23 13.35
CA ALA B 25 19.40 -8.94 12.71
C ALA B 25 18.62 -7.79 13.35
N GLU B 26 17.68 -8.13 14.23
CA GLU B 26 16.82 -7.14 14.87
C GLU B 26 17.59 -6.05 15.60
N PRO B 27 17.22 -4.79 15.35
CA PRO B 27 17.81 -3.63 16.02
C PRO B 27 17.19 -3.39 17.40
N PRO B 28 17.93 -2.72 18.31
CA PRO B 28 17.36 -2.36 19.60
C PRO B 28 16.25 -1.33 19.49
N ILE B 29 15.49 -1.16 20.55
CA ILE B 29 14.32 -0.27 20.56
C ILE B 29 14.73 1.20 20.75
N LEU B 30 15.82 1.41 21.48
CA LEU B 30 16.37 2.74 21.74
C LEU B 30 15.47 3.62 22.61
N TYR B 31 16.04 4.70 23.14
CA TYR B 31 15.32 5.59 24.04
C TYR B 31 15.31 7.03 23.52
N SER B 32 14.39 7.83 24.06
CA SER B 32 14.36 9.26 23.74
C SER B 32 14.88 10.07 24.91
N GLU B 33 14.77 11.40 24.81
CA GLU B 33 15.26 12.29 25.86
C GLU B 33 14.09 12.99 26.55
N TYR B 34 13.03 12.24 26.82
CA TYR B 34 11.81 12.84 27.33
C TYR B 34 11.77 12.90 28.86
N ASP B 35 11.67 14.12 29.37
CA ASP B 35 11.43 14.35 30.79
C ASP B 35 10.25 15.30 30.96
N PRO B 36 9.25 14.89 31.75
CA PRO B 36 8.00 15.66 31.91
C PRO B 36 8.22 17.05 32.52
N THR B 37 8.94 17.88 31.76
CA THR B 37 9.27 19.24 32.17
C THR B 37 9.81 20.06 30.99
N PHE B 40 7.60 21.30 26.56
CA PHE B 40 6.66 20.19 26.67
C PHE B 40 5.52 20.33 25.69
N SER B 41 5.72 21.14 24.64
CA SER B 41 4.64 21.46 23.72
C SER B 41 5.06 21.51 22.25
N GLU B 42 4.40 20.70 21.41
CA GLU B 42 4.43 20.79 19.95
C GLU B 42 5.76 21.11 19.26
N ALA B 43 6.83 21.19 20.04
CA ALA B 43 8.17 21.46 19.53
C ALA B 43 9.14 20.75 20.46
N SER B 44 10.19 20.17 19.88
CA SER B 44 11.02 19.14 20.53
C SER B 44 10.20 17.87 20.69
N MET B 45 8.92 18.01 21.06
CA MET B 45 7.96 16.92 21.02
C MET B 45 7.94 16.31 19.63
N MET B 46 8.13 17.15 18.61
CA MET B 46 8.30 16.69 17.25
C MET B 46 9.78 16.52 16.94
N GLY B 47 10.62 17.19 17.73
CA GLY B 47 12.06 17.10 17.60
C GLY B 47 12.61 15.82 18.21
N LEU B 48 12.03 15.40 19.33
CA LEU B 48 12.38 14.12 19.94
C LEU B 48 11.99 12.99 19.00
N LEU B 49 10.86 13.16 18.33
CA LEU B 49 10.44 12.20 17.31
C LEU B 49 11.42 12.20 16.15
N THR B 50 11.95 13.38 15.84
CA THR B 50 12.95 13.53 14.78
C THR B 50 14.28 12.93 15.22
N ASN B 51 14.69 13.26 16.44
CA ASN B 51 15.93 12.74 17.00
C ASN B 51 15.89 11.22 17.13
N LEU B 52 14.73 10.70 17.54
CA LEU B 52 14.56 9.27 17.71
C LEU B 52 14.56 8.54 16.37
N ALA B 53 13.84 9.08 15.41
CA ALA B 53 13.74 8.48 14.09
C ALA B 53 15.08 8.48 13.38
N ASP B 54 15.89 9.52 13.65
CA ASP B 54 17.21 9.62 13.07
C ASP B 54 18.13 8.53 13.57
N ARG B 55 18.10 8.28 14.88
CA ARG B 55 18.93 7.23 15.47
C ARG B 55 18.49 5.84 15.05
N GLU B 56 17.18 5.63 14.96
CA GLU B 56 16.65 4.35 14.51
C GLU B 56 16.94 4.13 13.03
N LEU B 57 17.05 5.23 12.28
CA LEU B 57 17.39 5.17 10.86
C LEU B 57 18.76 4.54 10.65
N VAL B 58 19.67 4.81 11.58
CA VAL B 58 21.03 4.31 11.50
C VAL B 58 21.11 2.81 11.77
N HIS B 59 20.36 2.36 12.79
CA HIS B 59 20.30 0.94 13.10
C HIS B 59 19.65 0.18 11.95
N MET B 60 18.75 0.85 11.25
CA MET B 60 18.00 0.24 10.16
C MET B 60 18.90 -0.18 9.01
N ILE B 61 19.86 0.67 8.66
CA ILE B 61 20.76 0.41 7.57
C ILE B 61 21.79 -0.61 7.89
N ASN B 62 22.02 -0.88 9.15
CA ASN B 62 22.90 -1.96 9.57
C ASN B 62 22.09 -3.23 9.77
N TRP B 63 20.79 -3.05 9.98
CA TRP B 63 19.86 -4.17 10.02
C TRP B 63 19.65 -4.72 8.62
N ALA B 64 19.63 -3.82 7.63
CA ALA B 64 19.38 -4.20 6.24
C ALA B 64 20.54 -5.03 5.69
N LYS B 65 21.74 -4.76 6.17
CA LYS B 65 22.92 -5.50 5.74
C LYS B 65 22.86 -6.96 6.17
N ARG B 66 22.18 -7.21 7.28
CA ARG B 66 22.06 -8.56 7.81
C ARG B 66 20.84 -9.28 7.25
N VAL B 67 20.08 -8.59 6.39
CA VAL B 67 18.95 -9.20 5.70
C VAL B 67 19.45 -10.02 4.51
N PRO B 68 19.08 -11.31 4.47
CA PRO B 68 19.53 -12.23 3.43
C PRO B 68 19.22 -11.74 2.01
N GLY B 69 20.22 -11.79 1.14
CA GLY B 69 20.04 -11.41 -0.25
C GLY B 69 20.18 -9.93 -0.52
N PHE B 70 20.10 -9.12 0.53
CA PHE B 70 20.15 -7.67 0.38
C PHE B 70 21.55 -7.19 0.00
N VAL B 71 22.57 -7.77 0.62
CA VAL B 71 23.95 -7.38 0.34
C VAL B 71 24.42 -7.86 -1.04
N ASP B 72 23.69 -8.81 -1.60
CA ASP B 72 24.00 -9.30 -2.95
C ASP B 72 23.66 -8.24 -3.99
N LEU B 73 22.70 -7.39 -3.68
CA LEU B 73 22.29 -6.32 -4.57
C LEU B 73 23.38 -5.27 -4.70
N THR B 74 23.33 -4.48 -5.77
CA THR B 74 24.27 -3.39 -5.96
C THR B 74 24.05 -2.32 -4.91
N LEU B 75 25.02 -1.43 -4.75
CA LEU B 75 24.92 -0.37 -3.77
C LEU B 75 23.80 0.60 -4.14
N HIS B 76 23.65 0.85 -5.43
CA HIS B 76 22.60 1.75 -5.93
C HIS B 76 21.21 1.20 -5.63
N ASP B 77 21.06 -0.11 -5.72
CA ASP B 77 19.78 -0.76 -5.44
C ASP B 77 19.48 -0.73 -3.94
N GLN B 78 20.54 -0.79 -3.14
CA GLN B 78 20.39 -0.69 -1.68
C GLN B 78 19.93 0.71 -1.28
N VAL B 79 20.54 1.72 -1.91
CA VAL B 79 20.15 3.10 -1.69
C VAL B 79 18.69 3.31 -2.09
N HIS B 80 18.29 2.70 -3.20
CA HIS B 80 16.95 2.87 -3.74
C HIS B 80 15.87 2.27 -2.85
N LEU B 81 16.01 0.99 -2.52
CA LEU B 81 15.01 0.28 -1.73
C LEU B 81 14.79 0.91 -0.36
N LEU B 82 15.86 1.50 0.19
CA LEU B 82 15.78 2.15 1.49
C LEU B 82 15.12 3.52 1.40
N GLU B 83 15.43 4.25 0.34
CA GLU B 83 14.89 5.60 0.15
C GLU B 83 13.37 5.60 0.01
N CYS B 84 12.83 4.47 -0.46
CA CYS B 84 11.39 4.35 -0.67
C CYS B 84 10.67 3.78 0.55
N ALA B 85 11.39 2.98 1.34
CA ALA B 85 10.75 2.20 2.40
C ALA B 85 11.29 2.49 3.80
N TRP B 86 12.03 3.57 3.96
CA TRP B 86 12.64 3.87 5.25
C TRP B 86 11.58 4.25 6.29
N LEU B 87 10.47 4.82 5.82
CA LEU B 87 9.41 5.25 6.73
C LEU B 87 8.45 4.12 7.04
N GLU B 88 8.22 3.24 6.06
CA GLU B 88 7.35 2.09 6.26
C GLU B 88 7.92 1.18 7.34
N ILE B 89 9.23 1.00 7.31
CA ILE B 89 9.92 0.14 8.26
C ILE B 89 9.90 0.73 9.66
N LEU B 90 10.12 2.04 9.76
CA LEU B 90 10.05 2.72 11.05
C LEU B 90 8.64 2.61 11.63
N MET B 91 7.64 2.77 10.77
CA MET B 91 6.25 2.76 11.20
C MET B 91 5.78 1.37 11.62
N ILE B 92 6.19 0.33 10.89
CA ILE B 92 5.80 -1.03 11.23
C ILE B 92 6.53 -1.48 12.50
N GLY B 93 7.67 -0.87 12.78
CA GLY B 93 8.39 -1.12 14.01
C GLY B 93 7.69 -0.43 15.16
N LEU B 94 7.30 0.83 14.95
CA LEU B 94 6.56 1.61 15.92
C LEU B 94 5.26 0.91 16.29
N VAL B 95 4.58 0.37 15.28
CA VAL B 95 3.34 -0.35 15.48
C VAL B 95 3.58 -1.64 16.28
N TRP B 96 4.61 -2.38 15.90
CA TRP B 96 4.99 -3.62 16.59
C TRP B 96 5.29 -3.39 18.07
N ARG B 97 5.98 -2.29 18.37
CA ARG B 97 6.30 -1.94 19.74
C ARG B 97 5.04 -1.48 20.50
N SER B 98 4.16 -0.78 19.80
CA SER B 98 2.96 -0.23 20.40
C SER B 98 1.80 -1.23 20.43
N MET B 99 2.14 -2.50 20.28
CA MET B 99 1.13 -3.55 20.17
C MET B 99 0.42 -3.83 21.50
N GLU B 100 1.19 -3.89 22.57
CA GLU B 100 0.65 -4.21 23.89
C GLU B 100 0.20 -2.98 24.67
N HIS B 101 0.10 -1.85 23.98
CA HIS B 101 -0.37 -0.62 24.61
C HIS B 101 -1.51 -0.01 23.80
N PRO B 102 -2.72 -0.55 23.95
CA PRO B 102 -3.91 -0.12 23.19
C PRO B 102 -4.20 1.36 23.35
N GLY B 103 -4.37 2.06 22.23
CA GLY B 103 -4.66 3.48 22.23
C GLY B 103 -3.44 4.33 22.49
N LYS B 104 -2.28 3.69 22.52
CA LYS B 104 -1.03 4.39 22.77
C LYS B 104 0.08 3.94 21.82
N LEU B 105 0.86 4.90 21.32
CA LEU B 105 2.01 4.58 20.49
C LEU B 105 3.29 4.60 21.30
N LEU B 106 4.04 3.50 21.26
CA LEU B 106 5.27 3.38 22.02
C LEU B 106 6.48 3.73 21.17
N PHE B 107 6.76 5.02 21.03
CA PHE B 107 7.91 5.48 20.28
C PHE B 107 9.19 5.07 20.98
N ALA B 108 9.15 5.07 22.31
CA ALA B 108 10.28 4.65 23.13
C ALA B 108 9.74 4.17 24.48
N PRO B 109 10.49 3.29 25.17
CA PRO B 109 10.07 2.80 26.48
C PRO B 109 9.73 3.93 27.46
N ASN B 110 10.39 5.08 27.30
CA ASN B 110 10.12 6.25 28.15
C ASN B 110 9.26 7.28 27.44
N LEU B 111 8.88 6.99 26.20
CA LEU B 111 8.09 7.92 25.40
C LEU B 111 6.84 7.26 24.86
N LEU B 112 5.73 7.41 25.59
CA LEU B 112 4.47 6.77 25.21
C LEU B 112 3.39 7.82 25.00
N LEU B 113 2.81 7.86 23.81
CA LEU B 113 1.83 8.89 23.45
C LEU B 113 0.52 8.31 22.93
N ASP B 114 -0.54 9.10 23.04
CA ASP B 114 -1.83 8.75 22.46
C ASP B 114 -2.32 9.84 21.53
N ARG B 115 -3.54 9.69 21.03
CA ARG B 115 -4.08 10.55 19.98
C ARG B 115 -4.10 12.03 20.33
N ASN B 116 -4.60 12.35 21.53
CA ASN B 116 -4.75 13.75 21.94
C ASN B 116 -3.41 14.46 22.13
N GLN B 117 -2.35 13.68 22.31
CA GLN B 117 -1.01 14.25 22.43
C GLN B 117 -0.41 14.53 21.07
N GLY B 118 -0.81 13.74 20.07
CA GLY B 118 -0.37 13.92 18.71
C GLY B 118 -1.00 15.16 18.08
N LYS B 119 -2.06 15.66 18.71
CA LYS B 119 -2.76 16.84 18.24
C LYS B 119 -1.95 18.11 18.50
N CYS B 120 -0.91 17.99 19.31
CA CYS B 120 0.01 19.09 19.56
C CYS B 120 0.64 19.55 18.25
N VAL B 121 0.98 18.57 17.42
CA VAL B 121 1.44 18.86 16.07
C VAL B 121 0.26 18.74 15.09
N GLU B 122 -0.02 19.82 14.38
CA GLU B 122 -1.16 19.87 13.48
C GLU B 122 -1.00 18.90 12.31
N GLY B 123 -2.04 18.13 12.04
CA GLY B 123 -2.02 17.18 10.93
C GLY B 123 -1.42 15.84 11.32
N MET B 124 -0.62 15.85 12.37
CA MET B 124 0.05 14.64 12.86
C MET B 124 -0.96 13.68 13.48
N VAL B 125 -2.07 14.23 13.99
CA VAL B 125 -3.11 13.43 14.64
C VAL B 125 -3.69 12.38 13.70
N GLU B 126 -3.81 12.72 12.42
CA GLU B 126 -4.33 11.78 11.42
C GLU B 126 -3.42 10.55 11.29
N ILE B 127 -2.12 10.78 11.42
CA ILE B 127 -1.14 9.70 11.32
C ILE B 127 -1.16 8.83 12.59
N PHE B 128 -1.38 9.48 13.74
CA PHE B 128 -1.45 8.78 15.01
C PHE B 128 -2.57 7.74 15.01
N ASP B 129 -3.75 8.13 14.54
CA ASP B 129 -4.91 7.24 14.50
C ASP B 129 -4.66 6.03 13.60
N MET B 130 -4.00 6.26 12.48
CA MET B 130 -3.68 5.17 11.55
C MET B 130 -2.66 4.21 12.18
N LEU B 131 -1.67 4.76 12.87
CA LEU B 131 -0.67 3.96 13.56
C LEU B 131 -1.33 3.14 14.66
N LEU B 132 -2.30 3.73 15.33
CA LEU B 132 -3.07 3.03 16.36
C LEU B 132 -3.91 1.92 15.76
N ALA B 133 -4.55 2.21 14.63
CA ALA B 133 -5.41 1.23 13.95
C ALA B 133 -4.62 0.03 13.46
N THR B 134 -3.38 0.26 13.03
CA THR B 134 -2.53 -0.81 12.54
C THR B 134 -2.10 -1.71 13.69
N SER B 135 -1.78 -1.09 14.83
CA SER B 135 -1.44 -1.85 16.03
C SER B 135 -2.67 -2.55 16.59
N SER B 136 -3.82 -1.90 16.44
CA SER B 136 -5.10 -2.48 16.85
C SER B 136 -5.42 -3.68 15.98
N ARG B 137 -4.91 -3.67 14.76
CA ARG B 137 -5.12 -4.77 13.83
C ARG B 137 -4.14 -5.91 14.10
N PHE B 138 -2.90 -5.56 14.41
CA PHE B 138 -1.89 -6.56 14.75
C PHE B 138 -2.29 -7.31 16.03
N ARG B 139 -2.76 -6.57 17.02
CA ARG B 139 -3.17 -7.14 18.29
C ARG B 139 -4.41 -8.01 18.13
N MET B 140 -5.33 -7.59 17.27
CA MET B 140 -6.55 -8.34 17.01
C MET B 140 -6.24 -9.59 16.20
N MET B 141 -5.16 -9.54 15.42
CA MET B 141 -4.75 -10.68 14.59
C MET B 141 -3.74 -11.55 15.32
N ASN B 142 -3.31 -11.09 16.50
CA ASN B 142 -2.34 -11.80 17.31
C ASN B 142 -1.04 -12.06 16.54
N LEU B 143 -0.45 -10.99 16.01
CA LEU B 143 0.78 -11.10 15.24
C LEU B 143 1.93 -11.60 16.12
N GLN B 144 2.81 -12.40 15.53
CA GLN B 144 3.95 -12.93 16.26
C GLN B 144 5.25 -12.34 15.73
N GLY B 145 6.30 -12.39 16.54
CA GLY B 145 7.58 -11.80 16.19
C GLY B 145 8.19 -12.36 14.91
N GLU B 146 8.10 -13.67 14.75
CA GLU B 146 8.65 -14.34 13.58
C GLU B 146 7.94 -13.89 12.30
N GLU B 147 6.64 -13.60 12.42
CA GLU B 147 5.88 -13.09 11.29
C GLU B 147 6.26 -11.63 11.00
N PHE B 148 6.56 -10.89 12.07
CA PHE B 148 6.89 -9.48 11.95
C PHE B 148 8.19 -9.24 11.19
N VAL B 149 9.25 -9.92 11.60
CA VAL B 149 10.56 -9.74 10.99
C VAL B 149 10.57 -10.10 9.51
N CYS B 150 9.64 -10.96 9.11
CA CYS B 150 9.48 -11.31 7.70
C CYS B 150 8.85 -10.14 6.95
N LEU B 151 7.75 -9.62 7.49
CA LEU B 151 7.09 -8.45 6.91
C LEU B 151 8.04 -7.27 6.88
N LYS B 152 8.84 -7.14 7.94
CA LYS B 152 9.84 -6.09 8.05
C LYS B 152 10.83 -6.15 6.90
N SER B 153 11.16 -7.37 6.47
CA SER B 153 12.11 -7.57 5.39
C SER B 153 11.42 -7.57 4.02
N ILE B 154 10.15 -7.95 4.00
CA ILE B 154 9.37 -7.94 2.76
C ILE B 154 9.19 -6.52 2.25
N ILE B 155 8.84 -5.61 3.16
CA ILE B 155 8.70 -4.20 2.84
C ILE B 155 9.97 -3.62 2.25
N LEU B 156 11.11 -4.08 2.78
CA LEU B 156 12.42 -3.61 2.35
C LEU B 156 12.69 -3.90 0.88
N LEU B 157 12.20 -5.04 0.40
CA LEU B 157 12.52 -5.50 -0.95
C LEU B 157 11.41 -5.21 -1.96
N ASN B 158 10.21 -4.94 -1.48
CA ASN B 158 9.06 -4.77 -2.35
C ASN B 158 8.69 -3.32 -2.62
N SER B 159 8.93 -2.45 -1.64
CA SER B 159 8.47 -1.07 -1.72
C SER B 159 9.27 -0.21 -2.70
N GLY B 160 10.13 -0.83 -3.49
CA GLY B 160 10.92 -0.12 -4.48
C GLY B 160 11.43 -1.02 -5.57
N VAL B 161 10.80 -2.18 -5.73
CA VAL B 161 11.24 -3.16 -6.71
C VAL B 161 10.78 -2.78 -8.11
N TYR B 162 9.69 -2.03 -8.21
CA TYR B 162 9.29 -1.47 -9.51
C TYR B 162 9.24 0.06 -9.50
N THR B 163 10.21 0.69 -8.83
CA THR B 163 10.46 2.11 -9.03
C THR B 163 11.84 2.25 -9.66
N PHE B 164 12.34 1.14 -10.19
CA PHE B 164 13.63 1.10 -10.86
C PHE B 164 13.64 2.00 -12.10
N GLU B 173 18.74 -4.78 -14.72
CA GLU B 173 17.38 -5.31 -14.71
C GLU B 173 17.36 -6.80 -14.43
N GLU B 174 18.52 -7.36 -14.10
CA GLU B 174 18.61 -8.78 -13.74
C GLU B 174 18.37 -8.96 -12.25
N LYS B 175 17.79 -7.93 -11.63
CA LYS B 175 17.51 -7.94 -10.20
C LYS B 175 16.14 -8.53 -9.91
N ASP B 176 15.65 -9.35 -10.83
CA ASP B 176 14.46 -10.15 -10.60
C ASP B 176 14.74 -11.17 -9.50
N HIS B 177 16.02 -11.34 -9.20
CA HIS B 177 16.49 -12.15 -8.08
C HIS B 177 15.81 -11.77 -6.78
N ILE B 178 15.49 -10.49 -6.63
CA ILE B 178 14.78 -9.98 -5.46
C ILE B 178 13.46 -10.72 -5.24
N HIS B 179 12.73 -10.97 -6.32
CA HIS B 179 11.46 -11.69 -6.24
C HIS B 179 11.67 -13.11 -5.72
N ARG B 180 12.76 -13.74 -6.15
CA ARG B 180 13.11 -15.07 -5.67
C ARG B 180 13.38 -15.03 -4.17
N VAL B 181 14.01 -13.95 -3.73
CA VAL B 181 14.27 -13.76 -2.31
C VAL B 181 12.94 -13.52 -1.57
N LEU B 182 12.08 -12.72 -2.18
CA LEU B 182 10.75 -12.45 -1.62
C LEU B 182 9.93 -13.73 -1.51
N ASP B 183 9.99 -14.56 -2.54
CA ASP B 183 9.27 -15.83 -2.54
C ASP B 183 9.79 -16.76 -1.46
N LYS B 184 11.07 -16.65 -1.14
CA LYS B 184 11.68 -17.45 -0.09
C LYS B 184 11.16 -17.04 1.28
N ILE B 185 10.87 -15.75 1.43
CA ILE B 185 10.33 -15.23 2.68
C ILE B 185 8.86 -15.64 2.83
N THR B 186 8.15 -15.73 1.71
CA THR B 186 6.77 -16.16 1.70
C THR B 186 6.68 -17.63 2.11
N ASP B 187 7.66 -18.41 1.66
CA ASP B 187 7.77 -19.81 2.07
C ASP B 187 7.96 -19.92 3.59
N THR B 188 8.65 -18.94 4.15
CA THR B 188 8.92 -18.90 5.59
C THR B 188 7.66 -18.64 6.40
N LEU B 189 6.88 -17.64 5.96
CA LEU B 189 5.62 -17.30 6.63
C LEU B 189 4.66 -18.48 6.66
N ILE B 190 4.49 -19.12 5.51
CA ILE B 190 3.64 -20.29 5.39
C ILE B 190 4.15 -21.40 6.30
N HIS B 191 5.47 -21.55 6.37
CA HIS B 191 6.10 -22.53 7.24
C HIS B 191 5.79 -22.25 8.72
N LEU B 192 5.75 -20.97 9.07
CA LEU B 192 5.45 -20.57 10.43
C LEU B 192 4.00 -20.86 10.80
N MET B 193 3.08 -20.47 9.92
CA MET B 193 1.66 -20.68 10.14
C MET B 193 1.31 -22.17 10.18
N ALA B 194 2.07 -22.96 9.43
CA ALA B 194 1.88 -24.41 9.41
C ALA B 194 2.33 -25.02 10.72
N LYS B 195 3.21 -24.32 11.44
CA LYS B 195 3.70 -24.78 12.72
C LYS B 195 2.80 -24.31 13.87
N ALA B 196 1.99 -23.30 13.60
CA ALA B 196 1.09 -22.75 14.61
C ALA B 196 -0.23 -23.52 14.66
N GLY B 197 -0.31 -24.59 13.87
CA GLY B 197 -1.48 -25.46 13.88
C GLY B 197 -2.57 -25.03 12.92
N LEU B 198 -2.23 -24.12 12.01
CA LEU B 198 -3.21 -23.62 11.05
C LEU B 198 -3.37 -24.56 9.87
N THR B 199 -4.60 -24.64 9.35
CA THR B 199 -4.87 -25.42 8.15
C THR B 199 -4.38 -24.66 6.91
N LEU B 200 -4.32 -25.37 5.79
CA LEU B 200 -3.84 -24.78 4.54
C LEU B 200 -4.68 -23.56 4.13
N GLN B 201 -5.99 -23.66 4.34
CA GLN B 201 -6.88 -22.53 4.09
C GLN B 201 -6.60 -21.41 5.09
N GLN B 202 -6.31 -21.79 6.33
CA GLN B 202 -6.01 -20.82 7.38
C GLN B 202 -4.67 -20.13 7.13
N GLN B 203 -3.72 -20.89 6.60
CA GLN B 203 -2.40 -20.35 6.27
C GLN B 203 -2.51 -19.30 5.16
N HIS B 204 -3.32 -19.62 4.16
CA HIS B 204 -3.49 -18.72 3.01
C HIS B 204 -4.25 -17.45 3.40
N GLN B 205 -5.28 -17.61 4.22
CA GLN B 205 -6.08 -16.48 4.68
C GLN B 205 -5.24 -15.53 5.54
N ARG B 206 -4.44 -16.10 6.43
CA ARG B 206 -3.58 -15.30 7.29
C ARG B 206 -2.52 -14.59 6.46
N LEU B 207 -1.96 -15.30 5.49
CA LEU B 207 -0.97 -14.73 4.58
C LEU B 207 -1.53 -13.51 3.86
N ALA B 208 -2.77 -13.62 3.39
CA ALA B 208 -3.44 -12.51 2.74
C ALA B 208 -3.65 -11.35 3.70
N GLN B 209 -4.16 -11.67 4.88
CA GLN B 209 -4.43 -10.66 5.91
C GLN B 209 -3.18 -9.87 6.28
N LEU B 210 -2.04 -10.55 6.31
CA LEU B 210 -0.77 -9.91 6.65
C LEU B 210 -0.29 -8.98 5.54
N LEU B 211 -0.36 -9.46 4.30
CA LEU B 211 0.15 -8.70 3.17
C LEU B 211 -0.73 -7.52 2.80
N LEU B 212 -2.02 -7.61 3.17
CA LEU B 212 -2.94 -6.51 2.92
C LEU B 212 -2.67 -5.35 3.87
N ILE B 213 -2.02 -5.65 4.99
CA ILE B 213 -1.62 -4.62 5.94
C ILE B 213 -0.57 -3.72 5.31
N LEU B 214 0.31 -4.32 4.50
CA LEU B 214 1.37 -3.58 3.83
C LEU B 214 0.80 -2.51 2.91
N SER B 215 -0.39 -2.76 2.38
CA SER B 215 -1.11 -1.77 1.59
C SER B 215 -1.43 -0.55 2.43
N HIS B 216 -1.83 -0.78 3.67
CA HIS B 216 -2.16 0.29 4.59
C HIS B 216 -0.88 1.02 5.02
N ILE B 217 0.12 0.25 5.44
CA ILE B 217 1.38 0.81 5.90
C ILE B 217 2.06 1.66 4.82
N ARG B 218 1.99 1.21 3.57
CA ARG B 218 2.47 2.00 2.44
C ARG B 218 1.72 3.33 2.36
N HIS B 219 0.41 3.29 2.57
CA HIS B 219 -0.43 4.47 2.51
C HIS B 219 -0.08 5.44 3.64
N MET B 220 0.31 4.89 4.78
CA MET B 220 0.70 5.70 5.93
C MET B 220 2.01 6.41 5.67
N SER B 221 2.93 5.72 5.01
CA SER B 221 4.22 6.30 4.66
C SER B 221 4.09 7.41 3.65
N ASN B 222 3.20 7.21 2.68
CA ASN B 222 2.95 8.22 1.65
C ASN B 222 2.34 9.48 2.25
N LYS B 223 1.43 9.29 3.20
CA LYS B 223 0.83 10.41 3.91
C LYS B 223 1.79 10.95 4.96
N GLY B 224 2.50 10.05 5.63
CA GLY B 224 3.42 10.42 6.69
C GLY B 224 4.58 11.27 6.19
N MET B 225 5.09 10.95 5.01
CA MET B 225 6.23 11.68 4.46
C MET B 225 5.77 12.95 3.75
N GLU B 226 4.46 13.08 3.55
CA GLU B 226 3.89 14.32 3.04
C GLU B 226 3.83 15.32 4.19
N HIS B 227 3.77 14.80 5.41
CA HIS B 227 3.78 15.62 6.62
C HIS B 227 5.20 16.07 6.95
N LEU B 228 6.17 15.23 6.62
CA LEU B 228 7.57 15.57 6.85
C LEU B 228 8.03 16.67 5.92
N TYR B 229 7.52 16.65 4.69
CA TYR B 229 7.80 17.71 3.73
C TYR B 229 7.12 18.99 4.17
N SER B 230 6.05 18.85 4.95
CA SER B 230 5.32 19.99 5.48
C SER B 230 6.11 20.66 6.60
N MET B 231 6.64 19.86 7.52
CA MET B 231 7.46 20.37 8.61
C MET B 231 8.79 20.91 8.10
N LYS B 232 9.12 20.56 6.86
CA LYS B 232 10.33 21.04 6.22
C LYS B 232 10.19 22.52 5.87
N CYS B 233 9.16 22.83 5.09
CA CYS B 233 8.89 24.21 4.69
C CYS B 233 8.49 25.07 5.88
N LYS B 234 7.83 24.45 6.86
CA LYS B 234 7.53 25.11 8.11
C LYS B 234 8.71 24.96 9.06
N ASN B 235 9.71 25.83 8.90
CA ASN B 235 10.97 25.71 9.61
C ASN B 235 10.88 25.89 11.13
N VAL B 236 9.82 25.37 11.73
CA VAL B 236 9.63 25.44 13.17
C VAL B 236 10.65 24.56 13.89
N VAL B 237 10.89 23.38 13.32
CA VAL B 237 11.84 22.43 13.91
C VAL B 237 12.66 21.73 12.83
N PRO B 238 13.95 22.05 12.75
CA PRO B 238 14.87 21.43 11.78
C PRO B 238 14.99 19.92 11.98
N LEU B 239 15.21 19.19 10.90
CA LEU B 239 15.36 17.74 10.98
C LEU B 239 16.80 17.32 10.69
N SER B 240 17.08 16.03 10.85
CA SER B 240 18.42 15.50 10.65
C SER B 240 18.86 15.57 9.19
N ASP B 241 20.17 15.68 8.96
CA ASP B 241 20.72 15.76 7.62
C ASP B 241 20.43 14.48 6.83
N LEU B 242 20.54 13.33 7.51
CA LEU B 242 20.21 12.06 6.88
C LEU B 242 18.72 11.98 6.58
N LEU B 243 17.91 12.55 7.46
CA LEU B 243 16.47 12.54 7.31
C LEU B 243 16.02 13.42 6.14
N LEU B 244 16.72 14.52 5.94
CA LEU B 244 16.44 15.43 4.83
C LEU B 244 16.71 14.77 3.48
N GLU B 245 17.90 14.19 3.35
CA GLU B 245 18.29 13.50 2.12
C GLU B 245 17.38 12.30 1.87
N MET B 246 16.93 11.69 2.96
CA MET B 246 15.99 10.58 2.89
C MET B 246 14.64 11.07 2.40
N LEU B 247 14.28 12.28 2.84
CA LEU B 247 13.03 12.92 2.40
C LEU B 247 13.15 13.34 0.94
N ASP B 248 14.36 13.68 0.52
CA ASP B 248 14.62 14.02 -0.88
C ASP B 248 14.77 12.76 -1.72
N ALA B 249 13.73 11.94 -1.69
CA ALA B 249 13.70 10.71 -2.47
C ALA B 249 12.29 10.44 -2.98
N HIS B 250 11.31 10.95 -2.24
CA HIS B 250 9.91 10.86 -2.63
C HIS B 250 9.46 12.19 -3.23
N ARG B 251 10.21 13.25 -2.91
CA ARG B 251 9.95 14.57 -3.48
C ARG B 251 10.60 14.67 -4.85
N LEU B 252 11.33 13.63 -5.22
CA LEU B 252 12.00 13.57 -6.52
C LEU B 252 11.83 12.20 -7.17
N HIS C 2 -24.19 16.60 1.81
CA HIS C 2 -24.68 16.35 0.46
C HIS C 2 -24.07 15.09 -0.14
N LYS C 3 -22.93 15.28 -0.82
CA LYS C 3 -22.20 14.20 -1.49
C LYS C 3 -23.01 13.54 -2.61
N ILE C 4 -22.52 13.66 -3.84
CA ILE C 4 -23.15 13.02 -4.98
C ILE C 4 -23.03 11.50 -4.88
N LEU C 5 -22.01 11.04 -4.17
CA LEU C 5 -21.78 9.61 -3.95
C LEU C 5 -22.97 8.94 -3.28
N HIS C 6 -23.66 9.66 -2.40
CA HIS C 6 -24.85 9.15 -1.73
C HIS C 6 -25.96 8.86 -2.73
N ARG C 7 -26.16 9.79 -3.66
CA ARG C 7 -27.21 9.67 -4.66
C ARG C 7 -26.99 8.46 -5.58
N LEU C 8 -25.75 8.29 -6.03
CA LEU C 8 -25.42 7.23 -6.98
C LEU C 8 -25.48 5.85 -6.33
N LEU C 9 -25.18 5.77 -5.04
CA LEU C 9 -25.25 4.51 -4.31
C LEU C 9 -26.68 4.12 -4.00
N GLN C 10 -27.62 5.02 -4.28
CA GLN C 10 -29.03 4.78 -3.99
C GLN C 10 -29.83 4.55 -5.27
N ASP C 11 -29.34 5.09 -6.38
CA ASP C 11 -30.03 4.96 -7.66
C ASP C 11 -29.44 3.83 -8.50
N LYS D 3 26.03 11.85 -0.57
CA LYS D 3 24.90 11.16 0.05
C LYS D 3 25.31 10.48 1.34
N ILE D 4 24.58 10.76 2.41
CA ILE D 4 24.87 10.19 3.72
C ILE D 4 24.58 8.69 3.75
N LEU D 5 23.45 8.30 3.17
CA LEU D 5 23.04 6.91 3.12
C LEU D 5 24.03 6.04 2.37
N HIS D 6 24.60 6.59 1.30
CA HIS D 6 25.56 5.87 0.47
C HIS D 6 26.81 5.49 1.27
N ARG D 7 27.26 6.41 2.12
CA ARG D 7 28.42 6.17 2.98
C ARG D 7 28.20 5.00 3.92
N LEU D 8 27.10 5.01 4.65
CA LEU D 8 26.82 3.97 5.61
C LEU D 8 26.66 2.61 5.04
N LEU D 9 26.09 2.55 3.89
CA LEU D 9 25.87 1.25 3.26
C LEU D 9 27.18 0.57 2.88
N GLN D 10 28.26 1.35 2.86
CA GLN D 10 29.59 0.81 2.64
C GLN D 10 30.51 1.15 3.81
N ASP D 11 29.94 1.14 5.01
CA ASP D 11 30.68 1.47 6.22
C ASP D 11 31.19 0.20 6.90
O01 5OS E . -8.91 14.12 -13.81
C02 5OS E . -8.06 13.08 -13.91
C03 5OS E . -6.93 13.18 -14.67
C04 5OS E . -6.05 12.12 -14.75
C05 5OS E . -6.34 10.95 -14.08
C06 5OS E . -5.50 9.85 -14.12
C07 5OS E . -4.22 9.81 -13.64
O08 5OS E . -3.73 8.60 -13.84
C09 5OS E . -4.66 7.85 -14.41
C10 5OS E . -5.80 8.60 -14.58
C11 5OS E . -6.96 8.15 -15.15
C12 5OS E . -7.68 8.94 -16.00
C13 5OS E . -8.85 8.43 -16.53
C14 5OS E . -9.27 7.17 -16.22
O15 5OS E . -10.38 6.65 -16.72
C16 5OS E . -8.55 6.39 -15.42
C17 5OS E . -7.42 6.89 -14.90
CL1 5OS E . -6.64 5.82 -13.91
C19 5OS E . -7.48 10.91 -13.34
CL2 5OS E . -7.83 9.53 -12.48
C21 5OS E . -8.33 11.95 -13.24
O01 5OS F . 11.03 13.81 12.04
C02 5OS F . 10.02 12.92 12.22
C03 5OS F . 8.93 13.17 13.00
C04 5OS F . 7.95 12.22 13.13
C05 5OS F . 8.08 11.02 12.50
C06 5OS F . 7.12 10.07 12.61
C07 5OS F . 5.87 10.20 12.07
O08 5OS F . 5.18 9.11 12.35
C09 5OS F . 5.95 8.27 13.04
C10 5OS F . 7.19 8.84 13.23
C11 5OS F . 8.22 8.21 13.91
C12 5OS F . 8.95 8.82 14.87
C13 5OS F . 9.94 8.12 15.53
C14 5OS F . 10.20 6.81 15.25
O15 5OS F . 11.16 6.09 15.88
C16 5OS F . 9.45 6.20 14.32
C17 5OS F . 8.49 6.90 13.69
CL1 5OS F . 7.67 6.01 12.54
C19 5OS F . 9.16 10.80 11.72
CL2 5OS F . 9.36 9.37 10.90
C21 5OS F . 10.12 11.73 11.58
#